data_6HON
#
_entry.id   6HON
#
_cell.length_a   85.630
_cell.length_b   90.320
_cell.length_c   196.990
_cell.angle_alpha   90.00
_cell.angle_beta   90.00
_cell.angle_gamma   90.00
#
_symmetry.space_group_name_H-M   'I 21 21 21'
#
loop_
_entity.id
_entity.type
_entity.pdbx_description
1 polymer 'CCR4-NOT transcription complex subunit 9'
2 polymer 'CCR4-NOT transcription complex subunit 4, isoform L'
3 non-polymer 'SODIUM ION'
4 non-polymer 'CHLORIDE ION'
5 water water
#
loop_
_entity_poly.entity_id
_entity_poly.type
_entity_poly.pdbx_seq_one_letter_code
_entity_poly.pdbx_strand_id
1 'polypeptide(L)'
;GPHMLEREKIYQWINELSSPETRENALLELSKKRESVPDLAPMLWHSFGTIAALLQEIVNIYPSINPPTLTAHQSNRVCN
ALALLQCVASHPETRSAFLAAHIPLFLYPFLHTVSKTRPFEYLRLTSLGVIGALVKTDEQEVINFLLTTEIIPLCLRIME
SGSELSKTVATFILQKILLDDTGLAYICQTYERFSHVAMILGKMVLQLSKEPSARLLKHVVRCYLRLSDNPRAREALRQC
LPDQLKDTTFAQVLKDDTTTKRWLAQLVKNLQE
;
A,C
2 'polypeptide(L)' DDDLGFDPFVETQKGLAELMENEVVQ B,D
#
loop_
_chem_comp.id
_chem_comp.type
_chem_comp.name
_chem_comp.formula
CL non-polymer 'CHLORIDE ION' 'Cl -1'
NA non-polymer 'SODIUM ION' 'Na 1'
#
# COMPACT_ATOMS: atom_id res chain seq x y z
N HIS A 3 -12.04 33.68 -10.22
CA HIS A 3 -11.41 32.67 -9.38
C HIS A 3 -11.42 31.25 -10.01
N MET A 4 -12.29 31.03 -11.01
CA MET A 4 -12.44 29.74 -11.70
C MET A 4 -11.23 29.32 -12.54
N LEU A 5 -10.36 30.27 -12.94
CA LEU A 5 -9.15 29.98 -13.73
C LEU A 5 -8.16 29.10 -12.96
N GLU A 6 -8.04 29.30 -11.62
CA GLU A 6 -7.17 28.50 -10.76
C GLU A 6 -7.79 27.11 -10.60
N ARG A 7 -9.11 27.07 -10.30
CA ARG A 7 -9.87 25.85 -10.10
C ARG A 7 -9.79 24.96 -11.35
N GLU A 8 -10.07 25.53 -12.55
CA GLU A 8 -10.01 24.80 -13.81
C GLU A 8 -8.63 24.24 -14.12
N LYS A 9 -7.56 24.95 -13.72
CA LYS A 9 -6.18 24.48 -13.87
C LYS A 9 -5.91 23.29 -12.92
N ILE A 10 -6.47 23.33 -11.69
CA ILE A 10 -6.29 22.27 -10.69
C ILE A 10 -7.00 21.00 -11.15
N TYR A 11 -8.26 21.13 -11.62
CA TYR A 11 -9.10 20.05 -12.17
C TYR A 11 -8.39 19.35 -13.33
N GLN A 12 -7.79 20.14 -14.23
CA GLN A 12 -7.07 19.68 -15.42
C GLN A 12 -5.87 18.81 -15.00
N TRP A 13 -5.06 19.31 -14.04
CA TRP A 13 -3.91 18.57 -13.50
C TRP A 13 -4.33 17.29 -12.76
N ILE A 14 -5.47 17.33 -12.02
CA ILE A 14 -6.02 16.15 -11.32
C ILE A 14 -6.35 15.07 -12.37
N ASN A 15 -6.98 15.46 -13.50
CA ASN A 15 -7.33 14.58 -14.61
C ASN A 15 -6.09 14.00 -15.26
N GLU A 16 -5.05 14.84 -15.42
CA GLU A 16 -3.75 14.46 -15.99
C GLU A 16 -2.98 13.39 -15.19
N LEU A 17 -3.33 13.17 -13.90
CA LEU A 17 -2.71 12.14 -13.05
C LEU A 17 -3.12 10.71 -13.47
N SER A 18 -4.33 10.58 -14.09
CA SER A 18 -4.90 9.32 -14.58
C SER A 18 -4.05 8.71 -15.70
N SER A 19 -3.67 9.54 -16.70
CA SER A 19 -2.84 9.16 -17.84
C SER A 19 -1.37 9.20 -17.42
N PRO A 20 -0.58 8.11 -17.60
CA PRO A 20 0.85 8.16 -17.21
C PRO A 20 1.71 9.10 -18.06
N GLU A 21 1.21 9.47 -19.27
CA GLU A 21 1.88 10.38 -20.21
C GLU A 21 1.92 11.83 -19.73
N THR A 22 0.95 12.22 -18.88
CA THR A 22 0.80 13.58 -18.32
C THR A 22 0.97 13.68 -16.79
N ARG A 23 1.03 12.51 -16.08
CA ARG A 23 1.15 12.39 -14.63
C ARG A 23 2.35 13.15 -14.01
N GLU A 24 3.57 12.99 -14.57
CA GLU A 24 4.80 13.63 -14.06
C GLU A 24 4.69 15.16 -13.96
N ASN A 25 4.20 15.82 -15.03
CA ASN A 25 4.03 17.28 -15.06
C ASN A 25 2.90 17.74 -14.13
N ALA A 26 1.82 16.93 -14.05
CA ALA A 26 0.66 17.17 -13.19
C ALA A 26 1.08 17.11 -11.70
N LEU A 27 1.97 16.16 -11.35
CA LEU A 27 2.50 16.02 -9.98
C LEU A 27 3.28 17.25 -9.55
N LEU A 28 4.16 17.75 -10.45
CA LEU A 28 4.99 18.94 -10.24
C LEU A 28 4.13 20.20 -10.03
N GLU A 29 3.14 20.43 -10.91
CA GLU A 29 2.22 21.57 -10.86
C GLU A 29 1.35 21.56 -9.60
N LEU A 30 0.78 20.40 -9.25
CA LEU A 30 -0.05 20.24 -8.05
C LEU A 30 0.76 20.36 -6.75
N SER A 31 2.02 19.86 -6.74
CA SER A 31 2.90 19.98 -5.57
C SER A 31 3.17 21.46 -5.20
N LYS A 32 3.27 22.33 -6.22
CA LYS A 32 3.48 23.78 -6.05
C LYS A 32 2.28 24.50 -5.40
N LYS A 33 1.09 23.86 -5.41
CA LYS A 33 -0.18 24.38 -4.88
C LYS A 33 -0.61 23.71 -3.54
N ARG A 34 0.22 22.81 -2.99
CA ARG A 34 -0.07 22.06 -1.76
C ARG A 34 -0.42 22.95 -0.54
N GLU A 35 0.00 24.24 -0.53
CA GLU A 35 -0.31 25.16 0.57
C GLU A 35 -1.18 26.32 0.12
N SER A 36 -1.04 26.75 -1.14
CA SER A 36 -1.77 27.86 -1.77
C SER A 36 -3.28 27.62 -1.86
N VAL A 37 -3.69 26.34 -2.12
CA VAL A 37 -5.10 25.96 -2.31
C VAL A 37 -5.57 25.18 -1.08
N PRO A 38 -6.39 25.80 -0.18
CA PRO A 38 -6.78 25.12 1.07
C PRO A 38 -7.65 23.87 0.94
N ASP A 39 -8.46 23.80 -0.13
CA ASP A 39 -9.34 22.67 -0.39
C ASP A 39 -8.71 21.58 -1.24
N LEU A 40 -7.38 21.66 -1.52
CA LEU A 40 -6.69 20.71 -2.39
C LEU A 40 -6.85 19.25 -1.96
N ALA A 41 -6.73 18.95 -0.64
CA ALA A 41 -6.86 17.60 -0.10
C ALA A 41 -8.23 16.91 -0.42
N PRO A 42 -9.43 17.46 -0.09
CA PRO A 42 -10.67 16.77 -0.48
C PRO A 42 -10.86 16.64 -2.00
N MET A 43 -10.25 17.55 -2.80
CA MET A 43 -10.31 17.50 -4.27
C MET A 43 -9.57 16.26 -4.76
N LEU A 44 -8.40 15.99 -4.17
CA LEU A 44 -7.55 14.85 -4.47
C LEU A 44 -8.20 13.54 -4.00
N TRP A 45 -8.75 13.53 -2.77
CA TRP A 45 -9.37 12.36 -2.16
C TRP A 45 -10.69 11.92 -2.83
N HIS A 46 -11.41 12.85 -3.51
CA HIS A 46 -12.69 12.58 -4.16
C HIS A 46 -12.75 11.29 -4.99
N SER A 47 -11.77 11.10 -5.89
CA SER A 47 -11.72 9.91 -6.73
C SER A 47 -10.70 8.89 -6.25
N PHE A 48 -11.11 7.60 -6.21
CA PHE A 48 -10.25 6.47 -5.90
C PHE A 48 -9.11 6.42 -6.94
N GLY A 49 -9.41 6.87 -8.18
CA GLY A 49 -8.48 6.94 -9.30
C GLY A 49 -7.26 7.83 -9.05
N THR A 50 -7.48 9.00 -8.39
CA THR A 50 -6.42 9.95 -8.03
C THR A 50 -5.47 9.33 -6.99
N ILE A 51 -6.03 8.73 -5.94
CA ILE A 51 -5.25 8.08 -4.89
C ILE A 51 -4.51 6.86 -5.46
N ALA A 52 -5.19 6.02 -6.27
CA ALA A 52 -4.56 4.87 -6.92
C ALA A 52 -3.32 5.32 -7.75
N ALA A 53 -3.45 6.44 -8.48
CA ALA A 53 -2.39 7.02 -9.30
C ALA A 53 -1.19 7.50 -8.46
N LEU A 54 -1.46 8.14 -7.31
CA LEU A 54 -0.42 8.58 -6.38
C LEU A 54 0.28 7.39 -5.78
N LEU A 55 -0.50 6.37 -5.36
CA LEU A 55 0.04 5.14 -4.80
C LEU A 55 0.88 4.36 -5.82
N GLN A 56 0.51 4.43 -7.11
CA GLN A 56 1.24 3.81 -8.23
C GLN A 56 2.67 4.39 -8.38
N GLU A 57 2.81 5.69 -8.12
CA GLU A 57 4.10 6.40 -8.13
C GLU A 57 5.06 5.88 -7.03
N ILE A 58 4.50 5.54 -5.87
CA ILE A 58 5.24 4.98 -4.74
C ILE A 58 5.67 3.54 -5.10
N VAL A 59 4.74 2.74 -5.63
CA VAL A 59 4.92 1.34 -6.04
C VAL A 59 6.02 1.22 -7.11
N ASN A 60 6.08 2.20 -8.05
CA ASN A 60 7.06 2.22 -9.14
C ASN A 60 8.51 2.36 -8.67
N ILE A 61 8.73 2.83 -7.45
CA ILE A 61 10.13 2.95 -7.04
C ILE A 61 10.53 1.88 -5.99
N TYR A 62 9.61 0.98 -5.59
CA TYR A 62 9.93 -0.16 -4.72
C TYR A 62 11.03 -1.04 -5.40
N PRO A 63 11.05 -1.27 -6.75
CA PRO A 63 12.16 -2.05 -7.35
C PRO A 63 13.54 -1.35 -7.31
N SER A 64 13.58 -0.02 -6.99
CA SER A 64 14.82 0.77 -6.89
C SER A 64 15.49 0.66 -5.50
N ILE A 65 14.92 -0.18 -4.61
CA ILE A 65 15.37 -0.44 -3.24
C ILE A 65 16.45 -1.53 -3.17
N ASN A 66 16.23 -2.67 -3.82
CA ASN A 66 17.12 -3.83 -3.77
C ASN A 66 17.78 -4.19 -5.10
N PRO A 67 19.07 -3.88 -5.35
CA PRO A 67 19.99 -3.08 -4.52
C PRO A 67 19.68 -1.58 -4.69
N PRO A 68 20.23 -0.66 -3.85
CA PRO A 68 19.90 0.77 -4.02
C PRO A 68 20.33 1.33 -5.39
N THR A 69 19.36 1.78 -6.21
CA THR A 69 19.59 2.30 -7.57
C THR A 69 18.80 3.59 -7.90
N LEU A 70 18.12 4.15 -6.89
CA LEU A 70 17.32 5.37 -7.03
C LEU A 70 18.13 6.58 -7.55
N THR A 71 17.62 7.27 -8.58
CA THR A 71 18.24 8.48 -9.13
C THR A 71 17.56 9.69 -8.45
N ALA A 72 18.19 10.88 -8.57
CA ALA A 72 17.64 12.14 -8.04
C ALA A 72 16.33 12.48 -8.74
N HIS A 73 16.23 12.14 -10.04
CA HIS A 73 15.03 12.34 -10.87
C HIS A 73 13.87 11.50 -10.37
N GLN A 74 14.14 10.22 -10.05
CA GLN A 74 13.16 9.28 -9.53
C GLN A 74 12.72 9.71 -8.14
N SER A 75 13.68 10.08 -7.30
CA SER A 75 13.43 10.52 -5.94
C SER A 75 12.54 11.77 -5.91
N ASN A 76 12.93 12.79 -6.71
CA ASN A 76 12.21 14.05 -6.87
C ASN A 76 10.75 13.91 -7.33
N ARG A 77 10.48 13.04 -8.32
CA ARG A 77 9.14 12.76 -8.83
C ARG A 77 8.24 12.09 -7.75
N VAL A 78 8.78 11.08 -7.02
CA VAL A 78 8.05 10.37 -5.95
C VAL A 78 7.77 11.30 -4.76
N CYS A 79 8.74 12.20 -4.48
CA CYS A 79 8.58 13.18 -3.43
C CYS A 79 7.47 14.20 -3.74
N ASN A 80 7.21 14.50 -5.03
CA ASN A 80 6.08 15.36 -5.45
C ASN A 80 4.76 14.66 -5.11
N ALA A 81 4.69 13.32 -5.28
CA ALA A 81 3.51 12.53 -4.97
C ALA A 81 3.36 12.37 -3.44
N LEU A 82 4.48 12.31 -2.70
CA LEU A 82 4.45 12.23 -1.24
C LEU A 82 3.94 13.55 -0.64
N ALA A 83 4.25 14.68 -1.31
CA ALA A 83 3.78 16.00 -0.87
C ALA A 83 2.26 16.13 -1.04
N LEU A 84 1.67 15.51 -2.09
CA LEU A 84 0.21 15.51 -2.31
C LEU A 84 -0.49 14.63 -1.24
N LEU A 85 0.14 13.50 -0.87
CA LEU A 85 -0.37 12.63 0.19
C LEU A 85 -0.27 13.30 1.55
N GLN A 86 0.79 14.08 1.78
CA GLN A 86 0.98 14.83 3.01
C GLN A 86 -0.15 15.85 3.18
N CYS A 87 -0.56 16.45 2.06
CA CYS A 87 -1.64 17.42 1.93
C CYS A 87 -2.95 16.76 2.42
N VAL A 88 -3.21 15.51 2.01
CA VAL A 88 -4.38 14.71 2.41
C VAL A 88 -4.27 14.26 3.90
N ALA A 89 -3.04 13.94 4.37
CA ALA A 89 -2.80 13.51 5.76
C ALA A 89 -3.10 14.61 6.79
N SER A 90 -2.88 15.89 6.42
CA SER A 90 -3.04 17.01 7.36
C SER A 90 -4.37 17.77 7.26
N HIS A 91 -5.22 17.50 6.25
CA HIS A 91 -6.51 18.21 6.15
C HIS A 91 -7.54 17.61 7.13
N PRO A 92 -8.27 18.47 7.89
CA PRO A 92 -9.29 17.93 8.84
C PRO A 92 -10.38 17.04 8.21
N GLU A 93 -10.71 17.27 6.94
CA GLU A 93 -11.75 16.51 6.23
C GLU A 93 -11.27 15.14 5.72
N THR A 94 -9.96 15.01 5.47
CA THR A 94 -9.42 13.80 4.85
C THR A 94 -8.52 12.94 5.74
N ARG A 95 -7.98 13.48 6.84
CA ARG A 95 -7.06 12.81 7.76
C ARG A 95 -7.55 11.44 8.24
N SER A 96 -8.81 11.36 8.74
CA SER A 96 -9.38 10.11 9.25
C SER A 96 -9.44 9.02 8.19
N ALA A 97 -9.93 9.39 6.99
CA ALA A 97 -10.06 8.52 5.81
C ALA A 97 -8.68 8.05 5.34
N PHE A 98 -7.68 8.97 5.28
CA PHE A 98 -6.30 8.68 4.92
C PHE A 98 -5.73 7.58 5.85
N LEU A 99 -5.98 7.72 7.18
CA LEU A 99 -5.55 6.80 8.20
C LEU A 99 -6.32 5.46 8.14
N ALA A 100 -7.65 5.50 7.87
CA ALA A 100 -8.48 4.30 7.72
C ALA A 100 -8.06 3.50 6.45
N ALA A 101 -7.47 4.19 5.47
CA ALA A 101 -6.97 3.58 4.24
C ALA A 101 -5.53 3.03 4.41
N HIS A 102 -4.96 3.19 5.61
CA HIS A 102 -3.61 2.72 5.98
C HIS A 102 -2.51 3.25 5.03
N ILE A 103 -2.73 4.44 4.46
CA ILE A 103 -1.81 5.02 3.47
C ILE A 103 -0.36 5.14 4.00
N PRO A 104 -0.08 5.54 5.28
CA PRO A 104 1.32 5.59 5.74
C PRO A 104 2.11 4.28 5.54
N LEU A 105 1.42 3.10 5.49
CA LEU A 105 2.09 1.80 5.28
C LEU A 105 2.87 1.71 3.96
N PHE A 106 2.42 2.44 2.92
CA PHE A 106 3.07 2.50 1.62
C PHE A 106 4.43 3.20 1.69
N LEU A 107 4.63 4.03 2.73
CA LEU A 107 5.85 4.81 3.01
C LEU A 107 6.88 4.06 3.85
N TYR A 108 6.44 3.08 4.64
CA TYR A 108 7.31 2.31 5.55
C TYR A 108 8.47 1.62 4.81
N PRO A 109 8.31 1.02 3.60
CA PRO A 109 9.49 0.47 2.89
C PRO A 109 10.59 1.53 2.64
N PHE A 110 10.23 2.82 2.49
CA PHE A 110 11.23 3.89 2.31
C PHE A 110 11.96 4.22 3.62
N LEU A 111 11.29 4.06 4.76
CA LEU A 111 11.89 4.32 6.08
C LEU A 111 12.90 3.24 6.46
N HIS A 112 12.66 1.99 5.97
CA HIS A 112 13.50 0.79 6.20
C HIS A 112 14.83 0.87 5.43
N THR A 113 14.92 1.66 4.34
CA THR A 113 16.15 1.78 3.56
C THR A 113 17.30 2.34 4.41
N VAL A 114 18.53 1.89 4.12
CA VAL A 114 19.72 2.30 4.88
C VAL A 114 20.73 3.05 4.01
N SER A 115 20.57 3.02 2.68
CA SER A 115 21.44 3.70 1.71
C SER A 115 21.59 5.19 2.04
N LYS A 116 22.84 5.68 2.06
CA LYS A 116 23.19 7.06 2.41
C LYS A 116 23.34 7.97 1.20
N THR A 117 23.00 7.49 0.00
CA THR A 117 23.03 8.38 -1.17
C THR A 117 21.90 9.40 -1.03
N ARG A 118 22.14 10.64 -1.55
CA ARG A 118 21.15 11.75 -1.53
C ARG A 118 19.75 11.36 -2.04
N PRO A 119 19.55 10.62 -3.16
CA PRO A 119 18.18 10.22 -3.53
C PRO A 119 17.43 9.45 -2.44
N PHE A 120 18.11 8.54 -1.70
CA PHE A 120 17.49 7.79 -0.62
C PHE A 120 17.30 8.58 0.67
N GLU A 121 18.32 9.34 1.07
CA GLU A 121 18.27 10.18 2.28
C GLU A 121 17.15 11.25 2.15
N TYR A 122 16.99 11.88 0.96
CA TYR A 122 15.96 12.90 0.71
C TYR A 122 14.59 12.28 0.58
N LEU A 123 14.52 11.00 0.16
CA LEU A 123 13.29 10.19 0.05
C LEU A 123 12.83 9.87 1.47
N ARG A 124 13.78 9.53 2.39
CA ARG A 124 13.44 9.28 3.79
C ARG A 124 13.02 10.58 4.45
N LEU A 125 13.67 11.72 4.14
CA LEU A 125 13.32 13.03 4.70
C LEU A 125 11.85 13.39 4.38
N THR A 126 11.43 13.24 3.11
CA THR A 126 10.07 13.54 2.67
C THR A 126 9.08 12.53 3.24
N SER A 127 9.47 11.22 3.31
CA SER A 127 8.56 10.21 3.89
C SER A 127 8.30 10.55 5.36
N LEU A 128 9.36 10.91 6.12
CA LEU A 128 9.28 11.33 7.52
C LEU A 128 8.38 12.57 7.67
N GLY A 129 8.47 13.48 6.70
CA GLY A 129 7.65 14.69 6.62
C GLY A 129 6.16 14.42 6.54
N VAL A 130 5.76 13.31 5.89
CA VAL A 130 4.35 12.92 5.78
C VAL A 130 3.85 12.50 7.17
N ILE A 131 4.62 11.66 7.87
CA ILE A 131 4.33 11.21 9.24
C ILE A 131 4.36 12.43 10.19
N GLY A 132 5.32 13.33 9.97
CA GLY A 132 5.47 14.57 10.74
C GLY A 132 4.22 15.43 10.67
N ALA A 133 3.69 15.66 9.44
CA ALA A 133 2.45 16.41 9.22
C ALA A 133 1.24 15.76 9.93
N LEU A 134 1.23 14.44 9.93
CA LEU A 134 0.21 13.58 10.50
C LEU A 134 0.22 13.61 12.05
N VAL A 135 1.41 13.59 12.69
CA VAL A 135 1.52 13.63 14.16
C VAL A 135 1.15 15.03 14.67
N LYS A 136 1.47 16.09 13.87
CA LYS A 136 1.20 17.50 14.17
C LYS A 136 -0.29 17.80 14.36
N THR A 137 -1.18 17.03 13.70
CA THR A 137 -2.64 17.18 13.81
C THR A 137 -3.10 17.03 15.27
N ASP A 138 -2.29 16.31 16.10
CA ASP A 138 -2.51 16.05 17.52
C ASP A 138 -3.80 15.25 17.73
N GLU A 139 -3.82 14.00 17.22
CA GLU A 139 -4.98 13.11 17.25
C GLU A 139 -4.65 11.75 17.84
N GLN A 140 -5.54 11.24 18.71
CA GLN A 140 -5.41 9.93 19.35
C GLN A 140 -5.33 8.79 18.33
N GLU A 141 -6.16 8.86 17.26
CA GLU A 141 -6.21 7.87 16.17
C GLU A 141 -4.85 7.76 15.47
N VAL A 142 -4.14 8.88 15.33
CA VAL A 142 -2.79 8.98 14.72
C VAL A 142 -1.80 8.24 15.60
N ILE A 143 -1.76 8.57 16.93
CA ILE A 143 -0.90 7.94 17.93
C ILE A 143 -1.13 6.42 17.95
N ASN A 144 -2.41 5.98 18.00
CA ASN A 144 -2.77 4.56 18.02
C ASN A 144 -2.29 3.84 16.77
N PHE A 145 -2.42 4.48 15.59
CA PHE A 145 -1.93 3.93 14.34
C PHE A 145 -0.41 3.75 14.38
N LEU A 146 0.32 4.82 14.72
CA LEU A 146 1.79 4.75 14.77
C LEU A 146 2.33 3.73 15.78
N LEU A 147 1.62 3.55 16.91
CA LEU A 147 2.02 2.59 17.94
C LEU A 147 1.89 1.16 17.47
N THR A 148 0.78 0.84 16.81
CA THR A 148 0.52 -0.52 16.34
C THR A 148 1.32 -0.88 15.07
N THR A 149 1.74 0.11 14.28
CA THR A 149 2.47 -0.14 13.03
C THR A 149 4.00 -0.09 13.18
N GLU A 150 4.50 0.04 14.43
CA GLU A 150 5.93 -0.01 14.78
C GLU A 150 6.81 1.07 14.08
N ILE A 151 6.38 2.34 14.16
CA ILE A 151 7.13 3.49 13.63
C ILE A 151 8.36 3.86 14.52
N ILE A 152 8.25 3.65 15.85
CA ILE A 152 9.31 3.98 16.83
C ILE A 152 10.66 3.36 16.40
N PRO A 153 10.80 2.02 16.13
CA PRO A 153 12.11 1.49 15.71
C PRO A 153 12.65 2.13 14.44
N LEU A 154 11.75 2.46 13.47
CA LEU A 154 12.11 3.13 12.21
C LEU A 154 12.68 4.50 12.47
N CYS A 155 12.09 5.24 13.41
CA CYS A 155 12.57 6.58 13.79
C CYS A 155 13.94 6.51 14.47
N LEU A 156 14.08 5.58 15.43
CA LEU A 156 15.31 5.37 16.19
C LEU A 156 16.53 5.05 15.32
N ARG A 157 16.34 4.22 14.29
CA ARG A 157 17.38 3.88 13.31
C ARG A 157 17.85 5.18 12.59
N ILE A 158 16.88 6.03 12.14
CA ILE A 158 17.15 7.30 11.45
C ILE A 158 17.80 8.33 12.38
N MET A 159 17.37 8.36 13.64
CA MET A 159 17.93 9.26 14.66
C MET A 159 19.40 8.95 14.91
N GLU A 160 19.78 7.69 14.76
CA GLU A 160 21.14 7.22 14.97
C GLU A 160 22.05 7.44 13.75
N SER A 161 21.53 7.20 12.52
CA SER A 161 22.37 7.17 11.32
C SER A 161 22.02 8.15 10.17
N GLY A 162 20.89 8.81 10.22
CA GLY A 162 20.47 9.72 9.15
C GLY A 162 21.21 11.04 9.11
N SER A 163 20.89 11.87 8.09
CA SER A 163 21.43 13.23 7.93
C SER A 163 20.83 14.10 9.04
N GLU A 164 21.37 15.30 9.28
CA GLU A 164 20.89 16.20 10.33
C GLU A 164 19.38 16.50 10.24
N LEU A 165 18.87 16.75 9.02
CA LEU A 165 17.44 17.04 8.79
C LEU A 165 16.52 15.84 9.04
N SER A 166 16.94 14.64 8.59
CA SER A 166 16.16 13.40 8.78
C SER A 166 16.12 13.04 10.27
N LYS A 167 17.25 13.23 10.98
CA LYS A 167 17.38 13.02 12.42
C LYS A 167 16.38 13.93 13.17
N THR A 168 16.26 15.21 12.74
CA THR A 168 15.35 16.20 13.34
C THR A 168 13.88 15.78 13.22
N VAL A 169 13.43 15.40 12.00
CA VAL A 169 12.04 14.96 11.75
C VAL A 169 11.73 13.68 12.55
N ALA A 170 12.65 12.70 12.52
CA ALA A 170 12.49 11.46 13.27
C ALA A 170 12.36 11.73 14.78
N THR A 171 13.22 12.61 15.35
CA THR A 171 13.18 13.00 16.77
C THR A 171 11.88 13.73 17.11
N PHE A 172 11.43 14.60 16.19
CA PHE A 172 10.18 15.34 16.29
C PHE A 172 8.97 14.38 16.37
N ILE A 173 8.97 13.30 15.56
CA ILE A 173 7.91 12.27 15.54
C ILE A 173 7.86 11.55 16.89
N LEU A 174 9.03 11.12 17.39
CA LEU A 174 9.20 10.46 18.70
C LEU A 174 8.70 11.36 19.83
N GLN A 175 9.11 12.64 19.81
CA GLN A 175 8.71 13.65 20.78
C GLN A 175 7.17 13.78 20.87
N LYS A 176 6.49 13.86 19.71
CA LYS A 176 5.04 13.98 19.63
C LYS A 176 4.33 12.74 20.14
N ILE A 177 4.91 11.54 19.90
CA ILE A 177 4.38 10.28 20.45
C ILE A 177 4.55 10.30 22.00
N LEU A 178 5.75 10.70 22.48
CA LEU A 178 6.06 10.80 23.90
C LEU A 178 5.16 11.80 24.62
N LEU A 179 4.83 12.92 23.94
CA LEU A 179 3.95 13.96 24.49
C LEU A 179 2.54 13.44 24.81
N ASP A 180 2.06 12.43 24.08
CA ASP A 180 0.77 11.81 24.34
C ASP A 180 0.89 10.84 25.52
N ASP A 181 -0.12 10.84 26.42
CA ASP A 181 -0.15 9.97 27.61
C ASP A 181 -0.04 8.48 27.24
N THR A 182 -0.75 8.04 26.17
CA THR A 182 -0.71 6.66 25.67
C THR A 182 0.71 6.34 25.15
N GLY A 183 1.32 7.33 24.49
CA GLY A 183 2.66 7.25 23.93
C GLY A 183 3.74 7.09 24.99
N LEU A 184 3.72 7.95 26.03
CA LEU A 184 4.68 7.88 27.13
C LEU A 184 4.54 6.56 27.90
N ALA A 185 3.31 6.10 28.16
CA ALA A 185 3.04 4.84 28.85
C ALA A 185 3.55 3.63 28.05
N TYR A 186 3.39 3.69 26.71
CA TYR A 186 3.84 2.63 25.80
C TYR A 186 5.35 2.46 25.89
N ILE A 187 6.11 3.56 25.78
CA ILE A 187 7.57 3.56 25.78
C ILE A 187 8.14 3.20 27.16
N CYS A 188 7.47 3.59 28.24
CA CYS A 188 7.91 3.31 29.61
C CYS A 188 7.36 2.00 30.20
N GLN A 189 6.53 1.27 29.41
CA GLN A 189 5.92 0.00 29.86
C GLN A 189 6.98 -1.08 30.14
N THR A 190 8.01 -1.19 29.27
CA THR A 190 9.07 -2.17 29.47
C THR A 190 10.40 -1.46 29.49
N TYR A 191 11.39 -2.04 30.22
CA TYR A 191 12.71 -1.46 30.22
C TYR A 191 13.31 -1.46 28.82
N GLU A 192 13.04 -2.51 28.03
CA GLU A 192 13.49 -2.70 26.65
C GLU A 192 13.12 -1.50 25.75
N ARG A 193 11.84 -1.09 25.75
CA ARG A 193 11.36 0.04 24.97
C ARG A 193 11.96 1.37 25.42
N PHE A 194 12.03 1.59 26.76
CA PHE A 194 12.61 2.82 27.34
C PHE A 194 14.08 2.91 26.97
N SER A 195 14.79 1.79 27.12
CA SER A 195 16.21 1.66 26.85
C SER A 195 16.54 1.94 25.39
N HIS A 196 15.76 1.39 24.45
CA HIS A 196 15.95 1.63 23.01
C HIS A 196 15.99 3.13 22.74
N VAL A 197 15.01 3.86 23.33
CA VAL A 197 14.88 5.31 23.23
C VAL A 197 16.06 6.02 23.92
N ALA A 198 16.29 5.74 25.25
CA ALA A 198 17.35 6.36 26.05
C ALA A 198 18.77 6.18 25.45
N MET A 199 19.11 4.96 24.98
CA MET A 199 20.42 4.65 24.36
C MET A 199 20.69 5.49 23.11
N ILE A 200 19.67 5.62 22.22
CA ILE A 200 19.76 6.41 20.99
C ILE A 200 19.89 7.91 21.34
N LEU A 201 19.03 8.41 22.26
CA LEU A 201 19.11 9.81 22.74
C LEU A 201 20.51 10.13 23.30
N GLY A 202 21.09 9.18 24.04
CA GLY A 202 22.44 9.27 24.62
C GLY A 202 23.55 9.38 23.59
N LYS A 203 23.49 8.52 22.53
CA LYS A 203 24.46 8.51 21.42
C LYS A 203 24.39 9.85 20.65
N MET A 204 23.18 10.43 20.56
CA MET A 204 22.91 11.71 19.89
C MET A 204 23.55 12.87 20.65
N VAL A 205 23.46 12.85 22.00
CA VAL A 205 24.06 13.88 22.88
C VAL A 205 25.60 13.91 22.68
N LEU A 206 26.24 12.73 22.63
CA LEU A 206 27.69 12.54 22.42
C LEU A 206 28.11 13.08 21.04
N GLN A 207 27.29 12.85 20.02
CA GLN A 207 27.57 13.35 18.67
C GLN A 207 27.39 14.87 18.63
N LEU A 208 26.31 15.40 19.27
CA LEU A 208 26.03 16.84 19.32
C LEU A 208 27.13 17.62 20.07
N SER A 209 27.85 16.95 21.00
CA SER A 209 28.96 17.56 21.74
C SER A 209 30.20 17.70 20.84
N LYS A 210 30.31 16.85 19.80
CA LYS A 210 31.41 16.85 18.80
C LYS A 210 31.06 17.79 17.65
N GLU A 211 29.87 17.63 17.07
CA GLU A 211 29.36 18.43 15.95
C GLU A 211 27.99 19.04 16.32
N PRO A 212 27.96 20.31 16.80
CA PRO A 212 26.69 20.91 17.26
C PRO A 212 25.59 21.11 16.21
N SER A 213 24.35 21.19 16.72
CA SER A 213 23.09 21.43 16.01
C SER A 213 22.07 21.78 17.10
N ALA A 214 21.75 23.07 17.24
CA ALA A 214 20.82 23.57 18.25
C ALA A 214 19.41 23.07 18.01
N ARG A 215 19.02 22.95 16.73
CA ARG A 215 17.72 22.47 16.26
C ARG A 215 17.50 21.00 16.71
N LEU A 216 18.50 20.12 16.49
CA LEU A 216 18.44 18.74 16.91
C LEU A 216 18.46 18.60 18.44
N LEU A 217 19.31 19.40 19.13
CA LEU A 217 19.43 19.40 20.58
C LEU A 217 18.13 19.77 21.28
N LYS A 218 17.37 20.74 20.72
CA LYS A 218 16.07 21.22 21.19
C LYS A 218 15.07 20.05 21.29
N HIS A 219 15.05 19.18 20.26
CA HIS A 219 14.13 18.04 20.24
C HIS A 219 14.59 16.90 21.13
N VAL A 220 15.91 16.65 21.21
CA VAL A 220 16.55 15.63 22.04
C VAL A 220 16.27 15.91 23.53
N VAL A 221 16.44 17.17 23.98
CA VAL A 221 16.17 17.59 25.36
C VAL A 221 14.68 17.46 25.72
N ARG A 222 13.77 17.88 24.79
CA ARG A 222 12.31 17.79 24.98
C ARG A 222 11.85 16.34 25.20
N CYS A 223 12.47 15.38 24.49
CA CYS A 223 12.21 13.96 24.63
C CYS A 223 12.58 13.50 26.04
N TYR A 224 13.79 13.89 26.50
CA TYR A 224 14.29 13.55 27.85
C TYR A 224 13.39 14.15 28.92
N LEU A 225 12.96 15.41 28.72
CA LEU A 225 12.10 16.12 29.67
C LEU A 225 10.72 15.45 29.78
N ARG A 226 10.19 14.97 28.65
CA ARG A 226 8.91 14.27 28.67
C ARG A 226 9.06 12.91 29.37
N LEU A 227 10.18 12.19 29.14
CA LEU A 227 10.45 10.91 29.81
C LEU A 227 10.46 11.06 31.34
N SER A 228 10.97 12.22 31.86
CA SER A 228 11.03 12.54 33.31
C SER A 228 9.66 12.58 33.98
N ASP A 229 8.57 12.77 33.21
CA ASP A 229 7.19 12.78 33.72
C ASP A 229 6.73 11.40 34.20
N ASN A 230 7.36 10.32 33.70
CA ASN A 230 7.08 8.95 34.12
C ASN A 230 8.00 8.65 35.32
N PRO A 231 7.47 8.11 36.45
CA PRO A 231 8.34 7.88 37.63
C PRO A 231 9.46 6.85 37.44
N ARG A 232 9.18 5.73 36.72
CA ARG A 232 10.16 4.67 36.46
C ARG A 232 11.27 5.15 35.53
N ALA A 233 10.90 5.93 34.47
CA ALA A 233 11.86 6.50 33.52
C ALA A 233 12.76 7.53 34.22
N ARG A 234 12.19 8.29 35.19
CA ARG A 234 12.87 9.31 35.99
C ARG A 234 14.00 8.69 36.84
N GLU A 235 13.74 7.55 37.52
CA GLU A 235 14.74 6.84 38.34
C GLU A 235 15.82 6.23 37.45
N ALA A 236 15.44 5.78 36.25
CA ALA A 236 16.35 5.21 35.25
C ALA A 236 17.25 6.30 34.67
N LEU A 237 16.73 7.51 34.44
CA LEU A 237 17.49 8.66 33.94
C LEU A 237 18.44 9.23 34.99
N ARG A 238 18.12 9.09 36.31
CA ARG A 238 19.00 9.54 37.41
C ARG A 238 20.36 8.84 37.33
N GLN A 239 20.40 7.65 36.70
CA GLN A 239 21.58 6.81 36.53
C GLN A 239 22.21 6.87 35.14
N CYS A 240 21.37 6.92 34.08
CA CYS A 240 21.86 6.83 32.71
C CYS A 240 21.93 8.17 31.95
N LEU A 241 21.43 9.31 32.51
CA LEU A 241 21.48 10.58 31.78
C LEU A 241 22.92 10.98 31.41
N PRO A 242 23.20 11.29 30.12
CA PRO A 242 24.58 11.65 29.74
C PRO A 242 25.18 12.80 30.55
N ASP A 243 26.50 12.71 30.84
CA ASP A 243 27.28 13.70 31.60
C ASP A 243 27.24 15.08 30.95
N GLN A 244 27.22 15.14 29.60
CA GLN A 244 27.18 16.35 28.77
C GLN A 244 25.96 17.24 29.01
N LEU A 245 24.87 16.65 29.57
CA LEU A 245 23.63 17.38 29.88
C LEU A 245 23.66 17.97 31.30
N LYS A 246 24.57 17.47 32.15
CA LYS A 246 24.75 17.94 33.54
C LYS A 246 25.97 18.89 33.64
N ASP A 247 26.83 18.89 32.58
CA ASP A 247 28.05 19.70 32.42
C ASP A 247 27.73 21.11 31.90
N THR A 248 28.78 21.81 31.44
CA THR A 248 28.75 23.13 30.83
C THR A 248 28.99 22.96 29.32
N THR A 249 28.88 21.70 28.84
CA THR A 249 29.10 21.25 27.46
C THR A 249 28.31 22.09 26.44
N PHE A 250 26.98 22.20 26.64
CA PHE A 250 26.12 22.94 25.72
C PHE A 250 25.74 24.35 26.23
N ALA A 251 26.28 24.74 27.42
CA ALA A 251 26.04 26.04 28.06
C ALA A 251 26.27 27.26 27.16
N GLN A 252 27.30 27.18 26.28
CA GLN A 252 27.65 28.23 25.31
C GLN A 252 26.59 28.41 24.24
N VAL A 253 26.11 27.29 23.65
CA VAL A 253 25.09 27.25 22.60
C VAL A 253 23.71 27.60 23.17
N LEU A 254 23.38 27.05 24.37
CA LEU A 254 22.10 27.26 25.03
C LEU A 254 21.90 28.66 25.62
N LYS A 255 22.95 29.52 25.56
CA LYS A 255 22.89 30.91 26.02
C LYS A 255 22.05 31.76 25.03
N ASP A 256 21.85 31.25 23.80
CA ASP A 256 21.06 31.89 22.72
C ASP A 256 19.71 31.18 22.47
N ASP A 257 19.52 29.99 23.07
CA ASP A 257 18.29 29.20 23.00
C ASP A 257 17.72 29.06 24.42
N THR A 258 16.91 30.05 24.82
CA THR A 258 16.26 30.14 26.14
C THR A 258 15.29 28.99 26.40
N THR A 259 14.43 28.62 25.42
CA THR A 259 13.41 27.55 25.53
C THR A 259 14.05 26.20 25.89
N THR A 260 15.14 25.82 25.20
CA THR A 260 15.87 24.57 25.42
C THR A 260 16.60 24.59 26.77
N LYS A 261 17.23 25.74 27.12
CA LYS A 261 17.95 25.96 28.38
C LYS A 261 17.00 25.81 29.58
N ARG A 262 15.73 26.24 29.39
CA ARG A 262 14.65 26.14 30.36
C ARG A 262 14.26 24.67 30.55
N TRP A 263 14.10 23.94 29.42
CA TRP A 263 13.73 22.53 29.40
C TRP A 263 14.80 21.67 30.07
N LEU A 264 16.09 22.00 29.84
CA LEU A 264 17.19 21.26 30.46
C LEU A 264 17.21 21.51 31.95
N ALA A 265 16.90 22.76 32.37
CA ALA A 265 16.83 23.15 33.78
C ALA A 265 15.70 22.39 34.50
N GLN A 266 14.52 22.28 33.85
CA GLN A 266 13.36 21.54 34.38
C GLN A 266 13.65 20.03 34.44
N LEU A 267 14.50 19.52 33.53
CA LEU A 267 14.91 18.12 33.50
C LEU A 267 15.80 17.76 34.70
N VAL A 268 16.82 18.60 34.99
CA VAL A 268 17.73 18.41 36.13
C VAL A 268 16.95 18.54 37.46
N LYS A 269 15.96 19.47 37.50
CA LYS A 269 15.09 19.69 38.66
C LYS A 269 14.17 18.48 38.95
N ASN A 270 13.67 17.82 37.88
CA ASN A 270 12.81 16.63 37.96
C ASN A 270 13.63 15.43 38.43
N LEU A 271 14.91 15.38 38.04
CA LEU A 271 15.84 14.30 38.36
C LEU A 271 16.46 14.44 39.76
N GLN A 272 16.49 15.68 40.31
CA GLN A 272 17.00 15.94 41.67
C GLN A 272 15.86 15.79 42.71
N GLU A 273 14.69 15.22 42.27
CA GLU A 273 13.44 14.96 43.02
C GLU A 273 12.64 16.27 43.22
N ASP B 2 6.81 26.48 13.31
CA ASP B 2 8.15 26.80 13.81
C ASP B 2 8.73 25.71 14.73
N ASP B 3 7.93 24.66 15.04
CA ASP B 3 8.34 23.52 15.89
C ASP B 3 9.52 22.76 15.24
N LEU B 4 9.39 22.44 13.94
CA LEU B 4 10.46 21.77 13.19
C LEU B 4 11.54 22.80 12.82
N GLY B 5 11.13 23.99 12.34
CA GLY B 5 12.05 25.05 11.94
C GLY B 5 12.43 25.03 10.47
N PHE B 6 11.93 24.03 9.73
CA PHE B 6 12.15 23.84 8.29
C PHE B 6 11.02 23.01 7.68
N ASP B 7 10.93 23.00 6.34
CA ASP B 7 9.95 22.22 5.58
C ASP B 7 10.70 21.01 4.97
N PRO B 8 10.42 19.76 5.42
CA PRO B 8 11.14 18.59 4.87
C PRO B 8 11.11 18.43 3.33
N PHE B 9 9.97 18.77 2.70
CA PHE B 9 9.82 18.68 1.25
C PHE B 9 10.60 19.77 0.50
N VAL B 10 10.60 21.00 1.03
CA VAL B 10 11.34 22.13 0.44
C VAL B 10 12.84 21.81 0.47
N GLU B 11 13.34 21.29 1.62
CA GLU B 11 14.73 20.91 1.82
C GLU B 11 15.18 19.78 0.89
N THR B 12 14.25 18.84 0.58
CA THR B 12 14.45 17.73 -0.36
C THR B 12 14.66 18.29 -1.78
N GLN B 13 13.78 19.23 -2.22
CA GLN B 13 13.86 19.88 -3.53
C GLN B 13 15.18 20.62 -3.70
N LYS B 14 15.63 21.35 -2.65
CA LYS B 14 16.90 22.06 -2.65
C LYS B 14 18.08 21.07 -2.80
N GLY B 15 18.11 20.07 -1.91
CA GLY B 15 19.15 19.04 -1.86
C GLY B 15 19.33 18.20 -3.12
N LEU B 16 18.20 17.94 -3.84
CA LEU B 16 18.18 17.13 -5.07
C LEU B 16 18.36 17.94 -6.36
N ALA B 17 18.12 19.28 -6.32
CA ALA B 17 18.23 20.22 -7.46
C ALA B 17 19.62 20.16 -8.09
N GLU B 18 20.67 20.16 -7.25
CA GLU B 18 22.09 20.08 -7.63
C GLU B 18 22.36 18.75 -8.34
N LEU B 19 21.88 17.64 -7.75
CA LEU B 19 22.08 16.31 -8.31
C LEU B 19 21.30 16.10 -9.61
N MET B 20 20.08 16.62 -9.72
CA MET B 20 19.27 16.50 -10.93
C MET B 20 19.88 17.22 -12.13
N GLU B 21 20.53 18.37 -11.89
CA GLU B 21 21.19 19.17 -12.92
C GLU B 21 22.46 18.52 -13.47
N ASN B 22 23.10 17.61 -12.70
CA ASN B 22 24.37 17.01 -13.11
C ASN B 22 24.39 15.49 -13.28
N GLU B 23 23.42 14.75 -12.69
CA GLU B 23 23.43 13.29 -12.72
C GLU B 23 23.26 12.67 -14.10
N VAL B 24 22.58 13.34 -15.05
CA VAL B 24 22.38 12.77 -16.40
C VAL B 24 23.37 13.39 -17.39
N VAL B 25 24.20 12.57 -18.08
CA VAL B 25 25.18 13.08 -19.06
C VAL B 25 24.48 13.46 -20.37
N GLN B 26 24.41 14.76 -20.66
CA GLN B 26 23.78 15.32 -21.86
C GLN B 26 24.65 14.99 -23.10
N HIS C 3 -20.68 -23.57 19.25
CA HIS C 3 -20.66 -22.15 18.88
C HIS C 3 -19.46 -21.45 19.53
N MET C 4 -19.36 -21.52 20.87
CA MET C 4 -18.33 -20.83 21.65
C MET C 4 -16.95 -21.48 21.65
N LEU C 5 -16.84 -22.82 21.73
CA LEU C 5 -15.53 -23.49 21.77
C LEU C 5 -14.72 -23.26 20.48
N GLU C 6 -15.39 -23.27 19.31
CA GLU C 6 -14.76 -22.99 18.01
C GLU C 6 -14.40 -21.50 17.97
N ARG C 7 -15.34 -20.61 18.41
CA ARG C 7 -15.16 -19.15 18.49
C ARG C 7 -13.96 -18.78 19.39
N GLU C 8 -13.75 -19.53 20.50
CA GLU C 8 -12.64 -19.34 21.44
C GLU C 8 -11.31 -19.56 20.76
N LYS C 9 -11.20 -20.69 20.00
CA LYS C 9 -10.02 -21.10 19.24
C LYS C 9 -9.70 -20.08 18.14
N ILE C 10 -10.75 -19.54 17.47
CA ILE C 10 -10.62 -18.49 16.45
C ILE C 10 -10.06 -17.21 17.07
N TYR C 11 -10.61 -16.78 18.24
CA TYR C 11 -10.12 -15.60 18.95
C TYR C 11 -8.70 -15.80 19.47
N GLN C 12 -8.30 -17.06 19.81
CA GLN C 12 -6.92 -17.37 20.22
C GLN C 12 -5.96 -17.10 19.04
N TRP C 13 -6.30 -17.59 17.83
CA TRP C 13 -5.53 -17.36 16.60
C TRP C 13 -5.49 -15.87 16.21
N ILE C 14 -6.63 -15.13 16.39
CA ILE C 14 -6.70 -13.69 16.11
C ILE C 14 -5.69 -12.95 17.03
N ASN C 15 -5.63 -13.35 18.34
CA ASN C 15 -4.70 -12.82 19.34
C ASN C 15 -3.26 -13.14 18.97
N GLU C 16 -3.02 -14.35 18.45
CA GLU C 16 -1.70 -14.83 18.01
C GLU C 16 -1.11 -14.04 16.83
N LEU C 17 -1.95 -13.27 16.07
CA LEU C 17 -1.50 -12.40 14.96
C LEU C 17 -0.69 -11.20 15.47
N SER C 18 -0.96 -10.75 16.72
CA SER C 18 -0.30 -9.63 17.41
C SER C 18 1.19 -9.90 17.66
N SER C 19 1.52 -11.11 18.16
CA SER C 19 2.89 -11.54 18.42
C SER C 19 3.48 -12.11 17.12
N PRO C 20 4.66 -11.64 16.64
CA PRO C 20 5.22 -12.20 15.39
C PRO C 20 5.71 -13.65 15.51
N GLU C 21 5.92 -14.13 16.75
CA GLU C 21 6.36 -15.49 17.06
C GLU C 21 5.27 -16.55 16.79
N THR C 22 3.99 -16.13 16.83
CA THR C 22 2.82 -16.99 16.63
C THR C 22 1.97 -16.63 15.38
N ARG C 23 2.24 -15.46 14.73
CA ARG C 23 1.52 -14.93 13.56
C ARG C 23 1.42 -15.90 12.35
N GLU C 24 2.56 -16.49 11.93
CA GLU C 24 2.62 -17.41 10.79
C GLU C 24 1.66 -18.61 10.93
N ASN C 25 1.66 -19.28 12.09
CA ASN C 25 0.79 -20.42 12.37
C ASN C 25 -0.69 -20.00 12.49
N ALA C 26 -0.93 -18.81 13.08
CA ALA C 26 -2.25 -18.20 13.24
C ALA C 26 -2.86 -17.89 11.86
N LEU C 27 -2.04 -17.40 10.90
CA LEU C 27 -2.49 -17.10 9.54
C LEU C 27 -2.97 -18.38 8.84
N LEU C 28 -2.18 -19.46 8.95
CA LEU C 28 -2.47 -20.78 8.38
C LEU C 28 -3.78 -21.38 8.93
N GLU C 29 -3.95 -21.37 10.26
CA GLU C 29 -5.12 -21.91 10.94
C GLU C 29 -6.40 -21.15 10.60
N LEU C 30 -6.33 -19.80 10.60
CA LEU C 30 -7.45 -18.93 10.27
C LEU C 30 -7.85 -19.01 8.78
N SER C 31 -6.85 -19.21 7.88
CA SER C 31 -7.12 -19.35 6.43
C SER C 31 -7.96 -20.62 6.15
N LYS C 32 -7.75 -21.70 6.93
CA LYS C 32 -8.50 -22.97 6.83
C LYS C 32 -9.99 -22.85 7.23
N LYS C 33 -10.35 -21.77 7.95
CA LYS C 33 -11.71 -21.48 8.45
C LYS C 33 -12.42 -20.35 7.66
N ARG C 34 -11.79 -19.84 6.58
CA ARG C 34 -12.30 -18.72 5.77
C ARG C 34 -13.74 -18.96 5.21
N GLU C 35 -14.18 -20.22 5.09
CA GLU C 35 -15.53 -20.52 4.58
C GLU C 35 -16.40 -21.21 5.62
N SER C 36 -15.76 -22.00 6.51
CA SER C 36 -16.39 -22.78 7.58
C SER C 36 -17.10 -21.90 8.64
N VAL C 37 -16.51 -20.72 8.96
CA VAL C 37 -17.02 -19.80 9.98
C VAL C 37 -17.65 -18.57 9.30
N PRO C 38 -19.02 -18.47 9.28
CA PRO C 38 -19.67 -17.34 8.57
C PRO C 38 -19.44 -15.94 9.12
N ASP C 39 -19.19 -15.82 10.42
CA ASP C 39 -18.96 -14.53 11.07
C ASP C 39 -17.47 -14.16 11.14
N LEU C 40 -16.59 -14.91 10.47
CA LEU C 40 -15.14 -14.68 10.52
C LEU C 40 -14.73 -13.26 10.12
N ALA C 41 -15.32 -12.69 9.05
CA ALA C 41 -15.01 -11.35 8.56
C ALA C 41 -15.23 -10.24 9.62
N PRO C 42 -16.43 -10.03 10.27
CA PRO C 42 -16.52 -8.98 11.31
C PRO C 42 -15.62 -9.23 12.53
N MET C 43 -15.26 -10.50 12.82
CA MET C 43 -14.35 -10.85 13.92
C MET C 43 -12.97 -10.28 13.61
N LEU C 44 -12.52 -10.43 12.34
CA LEU C 44 -11.23 -9.94 11.86
C LEU C 44 -11.22 -8.41 11.79
N TRP C 45 -12.30 -7.83 11.21
CA TRP C 45 -12.44 -6.38 11.02
C TRP C 45 -12.56 -5.56 12.31
N HIS C 46 -13.27 -6.08 13.33
CA HIS C 46 -13.50 -5.33 14.57
C HIS C 46 -12.52 -5.66 15.71
N SER C 47 -11.55 -6.56 15.44
CA SER C 47 -10.51 -6.85 16.44
C SER C 47 -9.37 -5.91 16.09
N PHE C 48 -9.17 -4.86 16.91
CA PHE C 48 -8.20 -3.79 16.61
C PHE C 48 -6.79 -4.31 16.35
N GLY C 49 -6.15 -3.76 15.31
CA GLY C 49 -4.81 -4.12 14.87
C GLY C 49 -4.70 -5.33 13.95
N THR C 50 -5.79 -6.12 13.77
CA THR C 50 -5.80 -7.33 12.94
C THR C 50 -5.59 -6.95 11.47
N ILE C 51 -6.33 -5.95 10.98
CA ILE C 51 -6.20 -5.50 9.59
C ILE C 51 -4.81 -4.88 9.35
N ALA C 52 -4.32 -4.04 10.28
CA ALA C 52 -2.98 -3.44 10.19
C ALA C 52 -1.92 -4.55 10.06
N ALA C 53 -2.06 -5.64 10.84
CA ALA C 53 -1.15 -6.81 10.85
C ALA C 53 -1.20 -7.54 9.51
N LEU C 54 -2.40 -7.75 8.91
CA LEU C 54 -2.54 -8.39 7.61
C LEU C 54 -1.91 -7.52 6.53
N LEU C 55 -2.18 -6.21 6.58
CA LEU C 55 -1.61 -5.25 5.63
C LEU C 55 -0.11 -5.15 5.73
N GLN C 56 0.43 -5.27 6.94
CA GLN C 56 1.88 -5.19 7.14
C GLN C 56 2.60 -6.40 6.53
N GLU C 57 1.98 -7.60 6.55
CA GLU C 57 2.48 -8.82 5.93
C GLU C 57 2.65 -8.60 4.42
N ILE C 58 1.69 -7.89 3.80
CA ILE C 58 1.64 -7.58 2.37
C ILE C 58 2.76 -6.59 2.01
N VAL C 59 2.81 -5.45 2.71
CA VAL C 59 3.74 -4.35 2.49
C VAL C 59 5.20 -4.79 2.67
N ASN C 60 5.41 -5.73 3.61
CA ASN C 60 6.71 -6.30 3.93
C ASN C 60 7.37 -7.02 2.73
N ILE C 61 6.57 -7.51 1.78
CA ILE C 61 7.08 -8.24 0.62
C ILE C 61 7.12 -7.41 -0.65
N TYR C 62 6.72 -6.12 -0.61
CA TYR C 62 6.79 -5.24 -1.79
C TYR C 62 8.23 -5.18 -2.35
N PRO C 63 9.30 -5.06 -1.51
CA PRO C 63 10.66 -5.04 -2.09
C PRO C 63 11.13 -6.39 -2.68
N SER C 64 10.45 -7.50 -2.35
CA SER C 64 10.79 -8.85 -2.81
C SER C 64 10.10 -9.28 -4.11
N ILE C 65 9.02 -8.61 -4.51
CA ILE C 65 8.28 -9.01 -5.72
C ILE C 65 9.01 -8.54 -6.99
N ASN C 66 9.89 -7.52 -6.85
CA ASN C 66 10.68 -6.93 -7.93
C ASN C 66 11.81 -6.14 -7.34
N PRO C 67 13.08 -6.58 -7.51
CA PRO C 67 13.56 -7.83 -8.17
C PRO C 67 12.94 -9.10 -7.57
N PRO C 68 12.70 -10.14 -8.40
CA PRO C 68 11.98 -11.33 -7.89
C PRO C 68 12.82 -12.24 -6.96
N THR C 69 12.75 -11.95 -5.64
CA THR C 69 13.48 -12.72 -4.62
C THR C 69 12.55 -13.47 -3.69
N LEU C 70 11.24 -13.29 -3.84
CA LEU C 70 10.22 -13.94 -3.03
C LEU C 70 10.30 -15.46 -3.09
N THR C 71 10.35 -16.08 -1.90
CA THR C 71 10.41 -17.53 -1.72
C THR C 71 8.98 -18.06 -1.66
N ALA C 72 8.80 -19.38 -1.75
CA ALA C 72 7.51 -20.06 -1.61
C ALA C 72 6.98 -19.85 -0.18
N HIS C 73 7.88 -19.84 0.82
CA HIS C 73 7.56 -19.61 2.23
C HIS C 73 7.01 -18.21 2.46
N GLN C 74 7.66 -17.19 1.89
CA GLN C 74 7.22 -15.78 1.97
C GLN C 74 5.88 -15.62 1.23
N SER C 75 5.77 -16.20 0.01
CA SER C 75 4.56 -16.15 -0.81
C SER C 75 3.36 -16.79 -0.09
N ASN C 76 3.52 -18.00 0.47
CA ASN C 76 2.47 -18.76 1.17
C ASN C 76 1.86 -17.99 2.35
N ARG C 77 2.71 -17.43 3.19
CA ARG C 77 2.39 -16.64 4.35
C ARG C 77 1.49 -15.44 3.95
N VAL C 78 1.91 -14.68 2.93
CA VAL C 78 1.16 -13.52 2.40
C VAL C 78 -0.18 -13.98 1.75
N CYS C 79 -0.16 -15.16 1.09
CA CYS C 79 -1.36 -15.75 0.47
C CYS C 79 -2.41 -16.14 1.51
N ASN C 80 -1.96 -16.55 2.69
CA ASN C 80 -2.82 -16.87 3.80
C ASN C 80 -3.44 -15.60 4.37
N ALA C 81 -2.68 -14.49 4.43
CA ALA C 81 -3.20 -13.19 4.85
C ALA C 81 -4.26 -12.71 3.82
N LEU C 82 -3.99 -12.88 2.52
CA LEU C 82 -4.90 -12.54 1.41
C LEU C 82 -6.23 -13.25 1.47
N ALA C 83 -6.23 -14.57 1.82
CA ALA C 83 -7.41 -15.42 2.01
C ALA C 83 -8.31 -14.83 3.12
N LEU C 84 -7.68 -14.22 4.17
CA LEU C 84 -8.41 -13.58 5.26
C LEU C 84 -9.03 -12.26 4.76
N LEU C 85 -8.33 -11.53 3.87
CA LEU C 85 -8.83 -10.28 3.28
C LEU C 85 -9.98 -10.56 2.31
N GLN C 86 -9.90 -11.70 1.60
CA GLN C 86 -10.92 -12.18 0.66
C GLN C 86 -12.24 -12.41 1.43
N CYS C 87 -12.10 -12.90 2.64
CA CYS C 87 -13.17 -13.19 3.58
C CYS C 87 -13.89 -11.89 4.00
N VAL C 88 -13.11 -10.83 4.28
CA VAL C 88 -13.59 -9.49 4.64
C VAL C 88 -14.24 -8.79 3.39
N ALA C 89 -13.68 -9.00 2.19
CA ALA C 89 -14.19 -8.39 0.94
C ALA C 89 -15.58 -8.88 0.58
N SER C 90 -15.92 -10.14 0.90
CA SER C 90 -17.19 -10.74 0.51
C SER C 90 -18.30 -10.74 1.59
N HIS C 91 -18.01 -10.34 2.83
CA HIS C 91 -19.04 -10.31 3.87
C HIS C 91 -19.91 -9.05 3.75
N PRO C 92 -21.26 -9.18 3.83
CA PRO C 92 -22.12 -7.97 3.74
C PRO C 92 -21.85 -6.87 4.79
N GLU C 93 -21.36 -7.26 5.98
CA GLU C 93 -21.07 -6.33 7.07
C GLU C 93 -19.75 -5.57 6.90
N THR C 94 -18.76 -6.15 6.19
CA THR C 94 -17.43 -5.56 6.09
C THR C 94 -17.01 -5.10 4.69
N ARG C 95 -17.76 -5.49 3.61
CA ARG C 95 -17.45 -5.14 2.21
C ARG C 95 -17.30 -3.62 1.97
N SER C 96 -18.27 -2.80 2.42
CA SER C 96 -18.24 -1.35 2.23
C SER C 96 -17.02 -0.71 2.89
N ALA C 97 -16.75 -1.11 4.16
CA ALA C 97 -15.63 -0.66 4.98
C ALA C 97 -14.29 -1.08 4.34
N PHE C 98 -14.20 -2.34 3.85
CA PHE C 98 -13.03 -2.87 3.13
C PHE C 98 -12.71 -1.96 1.92
N LEU C 99 -13.74 -1.58 1.14
CA LEU C 99 -13.64 -0.72 -0.03
C LEU C 99 -13.28 0.74 0.35
N ALA C 100 -13.89 1.25 1.45
CA ALA C 100 -13.61 2.61 1.96
C ALA C 100 -12.17 2.69 2.47
N ALA C 101 -11.60 1.56 2.91
CA ALA C 101 -10.22 1.47 3.40
C ALA C 101 -9.22 1.28 2.24
N HIS C 102 -9.73 1.27 0.96
CA HIS C 102 -8.96 1.16 -0.29
C HIS C 102 -8.08 -0.10 -0.29
N ILE C 103 -8.50 -1.17 0.42
CA ILE C 103 -7.71 -2.39 0.58
C ILE C 103 -7.34 -3.00 -0.75
N PRO C 104 -8.19 -3.09 -1.81
CA PRO C 104 -7.72 -3.69 -3.06
C PRO C 104 -6.43 -3.07 -3.62
N LEU C 105 -6.16 -1.77 -3.34
CA LEU C 105 -4.96 -1.08 -3.85
C LEU C 105 -3.64 -1.70 -3.35
N PHE C 106 -3.65 -2.34 -2.16
CA PHE C 106 -2.51 -3.05 -1.57
C PHE C 106 -2.17 -4.31 -2.37
N LEU C 107 -3.14 -4.84 -3.14
CA LEU C 107 -3.02 -6.05 -3.96
C LEU C 107 -2.58 -5.78 -5.40
N TYR C 108 -2.81 -4.56 -5.90
CA TYR C 108 -2.47 -4.16 -7.28
C TYR C 108 -0.98 -4.39 -7.60
N PRO C 109 0.01 -4.09 -6.69
CA PRO C 109 1.40 -4.38 -7.02
C PRO C 109 1.64 -5.87 -7.38
N PHE C 110 0.86 -6.79 -6.76
CA PHE C 110 1.00 -8.23 -7.02
C PHE C 110 0.39 -8.64 -8.38
N LEU C 111 -0.57 -7.83 -8.89
CA LEU C 111 -1.18 -8.09 -10.19
C LEU C 111 -0.18 -7.85 -11.35
N HIS C 112 0.98 -7.24 -11.11
CA HIS C 112 2.01 -7.10 -12.14
C HIS C 112 3.21 -8.00 -11.77
N THR C 113 3.57 -8.98 -12.62
CA THR C 113 4.70 -9.86 -12.31
C THR C 113 5.91 -9.61 -13.20
N VAL C 114 7.09 -9.90 -12.66
CA VAL C 114 8.36 -9.73 -13.35
C VAL C 114 9.12 -11.10 -13.38
N SER C 115 8.41 -12.15 -12.90
CA SER C 115 8.85 -13.54 -12.87
C SER C 115 7.67 -14.47 -13.17
N LYS C 116 7.94 -15.57 -13.89
CA LYS C 116 6.94 -16.59 -14.21
C LYS C 116 6.95 -17.73 -13.14
N THR C 117 7.83 -17.63 -12.10
CA THR C 117 7.99 -18.64 -11.07
C THR C 117 6.81 -18.69 -10.13
N ARG C 118 6.56 -19.89 -9.58
CA ARG C 118 5.51 -20.25 -8.66
C ARG C 118 5.28 -19.23 -7.52
N PRO C 119 6.29 -18.73 -6.76
CA PRO C 119 5.97 -17.76 -5.70
C PRO C 119 5.21 -16.53 -6.19
N PHE C 120 5.62 -15.97 -7.35
CA PHE C 120 5.04 -14.78 -7.97
C PHE C 120 3.70 -15.04 -8.61
N GLU C 121 3.60 -16.13 -9.40
CA GLU C 121 2.37 -16.49 -10.10
C GLU C 121 1.23 -16.88 -9.13
N TYR C 122 1.55 -17.59 -8.02
CA TYR C 122 0.54 -18.00 -7.05
C TYR C 122 0.09 -16.84 -6.18
N LEU C 123 0.98 -15.87 -5.94
CA LEU C 123 0.64 -14.66 -5.22
C LEU C 123 -0.35 -13.85 -6.04
N ARG C 124 -0.16 -13.80 -7.38
CA ARG C 124 -1.07 -13.13 -8.31
C ARG C 124 -2.43 -13.87 -8.38
N LEU C 125 -2.40 -15.21 -8.41
CA LEU C 125 -3.61 -16.03 -8.44
C LEU C 125 -4.54 -15.75 -7.23
N THR C 126 -3.97 -15.74 -6.02
CA THR C 126 -4.69 -15.47 -4.77
C THR C 126 -5.16 -14.01 -4.73
N SER C 127 -4.33 -13.06 -5.21
CA SER C 127 -4.72 -11.65 -5.27
C SER C 127 -5.94 -11.50 -6.18
N LEU C 128 -5.92 -12.14 -7.38
CA LEU C 128 -7.04 -12.14 -8.33
C LEU C 128 -8.30 -12.72 -7.67
N GLY C 129 -8.12 -13.77 -6.85
CA GLY C 129 -9.18 -14.42 -6.08
C GLY C 129 -9.88 -13.50 -5.10
N VAL C 130 -9.13 -12.57 -4.49
CA VAL C 130 -9.69 -11.56 -3.58
C VAL C 130 -10.62 -10.60 -4.35
N ILE C 131 -10.18 -10.08 -5.54
CA ILE C 131 -10.96 -9.22 -6.45
C ILE C 131 -12.15 -10.02 -6.97
N GLY C 132 -11.94 -11.30 -7.25
CA GLY C 132 -12.97 -12.23 -7.71
C GLY C 132 -14.16 -12.28 -6.78
N ALA C 133 -13.89 -12.39 -5.48
CA ALA C 133 -14.87 -12.43 -4.39
C ALA C 133 -15.53 -11.06 -4.21
N LEU C 134 -14.77 -9.97 -4.39
CA LEU C 134 -15.27 -8.60 -4.30
C LEU C 134 -16.32 -8.28 -5.40
N VAL C 135 -16.01 -8.63 -6.67
CA VAL C 135 -16.89 -8.38 -7.83
C VAL C 135 -18.15 -9.26 -7.78
N LYS C 136 -18.03 -10.47 -7.17
CA LYS C 136 -19.11 -11.45 -7.00
C LYS C 136 -20.27 -10.91 -6.17
N THR C 137 -20.00 -9.99 -5.23
CA THR C 137 -21.01 -9.37 -4.36
C THR C 137 -22.09 -8.66 -5.17
N ASP C 138 -21.74 -8.25 -6.43
CA ASP C 138 -22.61 -7.58 -7.39
C ASP C 138 -23.10 -6.22 -6.83
N GLU C 139 -22.13 -5.30 -6.62
CA GLU C 139 -22.37 -3.98 -6.03
C GLU C 139 -21.83 -2.85 -6.90
N GLN C 140 -22.63 -1.78 -7.02
CA GLN C 140 -22.29 -0.59 -7.81
C GLN C 140 -20.99 0.06 -7.32
N GLU C 141 -20.82 0.18 -5.98
CA GLU C 141 -19.63 0.74 -5.33
C GLU C 141 -18.36 0.02 -5.73
N VAL C 142 -18.44 -1.33 -5.88
CA VAL C 142 -17.36 -2.21 -6.27
C VAL C 142 -16.97 -1.90 -7.71
N ILE C 143 -17.97 -1.91 -8.65
CA ILE C 143 -17.79 -1.60 -10.08
C ILE C 143 -17.15 -0.22 -10.25
N ASN C 144 -17.68 0.80 -9.56
CA ASN C 144 -17.19 2.18 -9.62
C ASN C 144 -15.74 2.25 -9.16
N PHE C 145 -15.38 1.55 -8.07
CA PHE C 145 -14.02 1.51 -7.57
C PHE C 145 -13.08 0.86 -8.60
N LEU C 146 -13.44 -0.34 -9.09
CA LEU C 146 -12.66 -1.13 -10.04
C LEU C 146 -12.44 -0.42 -11.38
N LEU C 147 -13.46 0.29 -11.86
CA LEU C 147 -13.36 1.03 -13.11
C LEU C 147 -12.39 2.21 -13.01
N THR C 148 -12.50 3.03 -11.92
CA THR C 148 -11.67 4.24 -11.72
C THR C 148 -10.23 3.93 -11.31
N THR C 149 -9.96 2.76 -10.72
CA THR C 149 -8.61 2.41 -10.25
C THR C 149 -7.79 1.62 -11.27
N GLU C 150 -8.33 1.47 -12.48
CA GLU C 150 -7.68 0.87 -13.65
C GLU C 150 -7.39 -0.64 -13.52
N ILE C 151 -8.39 -1.44 -13.09
CA ILE C 151 -8.23 -2.89 -13.00
C ILE C 151 -8.29 -3.57 -14.39
N ILE C 152 -9.08 -3.03 -15.34
CA ILE C 152 -9.25 -3.59 -16.70
C ILE C 152 -7.89 -3.79 -17.40
N PRO C 153 -6.99 -2.78 -17.53
CA PRO C 153 -5.68 -3.03 -18.16
C PRO C 153 -4.84 -4.10 -17.45
N LEU C 154 -4.93 -4.14 -16.10
CA LEU C 154 -4.26 -5.15 -15.28
C LEU C 154 -4.76 -6.55 -15.62
N CYS C 155 -6.09 -6.72 -15.77
CA CYS C 155 -6.69 -8.00 -16.14
C CYS C 155 -6.27 -8.44 -17.55
N LEU C 156 -6.31 -7.49 -18.51
CA LEU C 156 -5.97 -7.74 -19.91
C LEU C 156 -4.53 -8.20 -20.09
N ARG C 157 -3.62 -7.64 -19.30
CA ARG C 157 -2.20 -8.01 -19.25
C ARG C 157 -2.05 -9.48 -18.79
N ILE C 158 -2.78 -9.86 -17.72
CA ILE C 158 -2.79 -11.22 -17.17
C ILE C 158 -3.46 -12.21 -18.14
N MET C 159 -4.54 -11.80 -18.80
CA MET C 159 -5.27 -12.61 -19.77
C MET C 159 -4.39 -12.98 -20.98
N GLU C 160 -3.45 -12.11 -21.34
CA GLU C 160 -2.55 -12.37 -22.47
C GLU C 160 -1.19 -13.01 -22.10
N SER C 161 -0.75 -12.98 -20.80
CA SER C 161 0.55 -13.54 -20.43
C SER C 161 0.63 -14.43 -19.15
N GLY C 162 -0.43 -14.47 -18.34
CA GLY C 162 -0.43 -15.25 -17.10
C GLY C 162 -0.56 -16.75 -17.28
N SER C 163 -0.53 -17.51 -16.17
CA SER C 163 -0.73 -18.96 -16.18
C SER C 163 -2.21 -19.23 -16.52
N GLU C 164 -2.57 -20.50 -16.86
CA GLU C 164 -3.96 -20.84 -17.21
C GLU C 164 -4.99 -20.43 -16.14
N LEU C 165 -4.67 -20.67 -14.85
CA LEU C 165 -5.54 -20.34 -13.72
C LEU C 165 -5.70 -18.83 -13.51
N SER C 166 -4.60 -18.06 -13.62
CA SER C 166 -4.67 -16.59 -13.48
C SER C 166 -5.47 -15.98 -14.63
N LYS C 167 -5.23 -16.47 -15.86
CA LYS C 167 -5.98 -16.06 -17.07
C LYS C 167 -7.49 -16.25 -16.83
N THR C 168 -7.89 -17.38 -16.21
CA THR C 168 -9.30 -17.69 -15.92
C THR C 168 -9.92 -16.68 -14.94
N VAL C 169 -9.24 -16.42 -13.78
CA VAL C 169 -9.73 -15.47 -12.77
C VAL C 169 -9.80 -14.05 -13.36
N ALA C 170 -8.75 -13.62 -14.09
CA ALA C 170 -8.70 -12.30 -14.73
C ALA C 170 -9.87 -12.14 -15.72
N THR C 171 -10.14 -13.17 -16.56
CA THR C 171 -11.26 -13.18 -17.52
C THR C 171 -12.61 -13.12 -16.79
N PHE C 172 -12.71 -13.83 -15.66
CA PHE C 172 -13.91 -13.87 -14.82
C PHE C 172 -14.21 -12.48 -14.26
N ILE C 173 -13.16 -11.75 -13.81
CA ILE C 173 -13.27 -10.39 -13.27
C ILE C 173 -13.82 -9.45 -14.35
N LEU C 174 -13.24 -9.51 -15.57
CA LEU C 174 -13.66 -8.74 -16.74
C LEU C 174 -15.11 -9.04 -17.08
N GLN C 175 -15.49 -10.33 -17.09
CA GLN C 175 -16.84 -10.81 -17.34
C GLN C 175 -17.86 -10.17 -16.36
N LYS C 176 -17.55 -10.17 -15.05
CA LYS C 176 -18.40 -9.58 -14.02
C LYS C 176 -18.54 -8.06 -14.14
N ILE C 177 -17.47 -7.37 -14.58
CA ILE C 177 -17.51 -5.92 -14.86
C ILE C 177 -18.43 -5.71 -16.10
N LEU C 178 -18.23 -6.52 -17.16
CA LEU C 178 -19.03 -6.46 -18.39
C LEU C 178 -20.49 -6.75 -18.13
N LEU C 179 -20.80 -7.67 -17.20
CA LEU C 179 -22.17 -8.03 -16.83
C LEU C 179 -22.95 -6.87 -16.22
N ASP C 180 -22.26 -5.96 -15.49
CA ASP C 180 -22.86 -4.75 -14.95
C ASP C 180 -23.11 -3.73 -16.11
N ASP C 181 -24.25 -3.03 -16.10
CA ASP C 181 -24.63 -2.03 -17.12
C ASP C 181 -23.61 -0.89 -17.26
N THR C 182 -23.13 -0.36 -16.11
CA THR C 182 -22.09 0.69 -16.07
C THR C 182 -20.77 0.15 -16.66
N GLY C 183 -20.47 -1.11 -16.37
CA GLY C 183 -19.29 -1.80 -16.86
C GLY C 183 -19.25 -1.97 -18.36
N LEU C 184 -20.35 -2.48 -18.95
CA LEU C 184 -20.49 -2.66 -20.39
C LEU C 184 -20.42 -1.31 -21.12
N ALA C 185 -21.08 -0.27 -20.59
CA ALA C 185 -21.09 1.08 -21.16
C ALA C 185 -19.69 1.69 -21.13
N TYR C 186 -18.91 1.45 -20.05
CA TYR C 186 -17.57 1.95 -19.89
C TYR C 186 -16.65 1.40 -20.98
N ILE C 187 -16.66 0.06 -21.18
CA ILE C 187 -15.81 -0.61 -22.17
C ILE C 187 -16.21 -0.28 -23.62
N CYS C 188 -17.51 -0.08 -23.88
CA CYS C 188 -18.00 0.22 -25.22
C CYS C 188 -18.09 1.73 -25.52
N GLN C 189 -17.72 2.59 -24.55
CA GLN C 189 -17.78 4.05 -24.70
C GLN C 189 -16.86 4.56 -25.82
N THR C 190 -15.63 4.01 -25.90
CA THR C 190 -14.69 4.42 -26.94
C THR C 190 -14.26 3.20 -27.74
N TYR C 191 -13.88 3.41 -29.02
CA TYR C 191 -13.39 2.30 -29.83
C TYR C 191 -12.11 1.71 -29.21
N GLU C 192 -11.23 2.59 -28.67
CA GLU C 192 -9.98 2.25 -27.99
C GLU C 192 -10.18 1.21 -26.88
N ARG C 193 -11.12 1.46 -25.95
CA ARG C 193 -11.41 0.54 -24.84
C ARG C 193 -11.99 -0.78 -25.32
N PHE C 194 -12.94 -0.73 -26.28
CA PHE C 194 -13.57 -1.94 -26.84
C PHE C 194 -12.51 -2.78 -27.53
N SER C 195 -11.67 -2.12 -28.36
CA SER C 195 -10.60 -2.74 -29.13
C SER C 195 -9.58 -3.43 -28.22
N HIS C 196 -9.16 -2.78 -27.12
CA HIS C 196 -8.21 -3.36 -26.14
C HIS C 196 -8.72 -4.73 -25.66
N VAL C 197 -10.01 -4.78 -25.30
CA VAL C 197 -10.72 -5.97 -24.85
C VAL C 197 -10.83 -7.01 -25.98
N ALA C 198 -11.43 -6.62 -27.15
CA ALA C 198 -11.62 -7.49 -28.31
C ALA C 198 -10.33 -8.13 -28.84
N MET C 199 -9.22 -7.34 -28.97
CA MET C 199 -7.90 -7.81 -29.43
C MET C 199 -7.33 -8.90 -28.51
N ILE C 200 -7.42 -8.71 -27.18
CA ILE C 200 -6.95 -9.68 -26.18
C ILE C 200 -7.81 -10.95 -26.25
N LEU C 201 -9.15 -10.80 -26.24
CA LEU C 201 -10.08 -11.94 -26.38
C LEU C 201 -9.79 -12.76 -27.65
N GLY C 202 -9.48 -12.07 -28.75
CA GLY C 202 -9.11 -12.66 -30.04
C GLY C 202 -7.82 -13.46 -30.01
N LYS C 203 -6.76 -12.93 -29.36
CA LYS C 203 -5.46 -13.59 -29.19
C LYS C 203 -5.63 -14.87 -28.34
N MET C 204 -6.55 -14.82 -27.36
CA MET C 204 -6.87 -15.93 -26.46
C MET C 204 -7.53 -17.07 -27.22
N VAL C 205 -8.47 -16.76 -28.15
CA VAL C 205 -9.17 -17.74 -28.97
C VAL C 205 -8.15 -18.52 -29.84
N LEU C 206 -7.19 -17.79 -30.47
CA LEU C 206 -6.11 -18.35 -31.30
C LEU C 206 -5.21 -19.27 -30.47
N GLN C 207 -4.93 -18.89 -29.21
CA GLN C 207 -4.12 -19.69 -28.30
C GLN C 207 -4.87 -20.94 -27.84
N LEU C 208 -6.18 -20.81 -27.57
CA LEU C 208 -7.05 -21.91 -27.15
C LEU C 208 -7.25 -22.95 -28.27
N SER C 209 -7.14 -22.52 -29.55
CA SER C 209 -7.25 -23.41 -30.71
C SER C 209 -5.98 -24.29 -30.84
N LYS C 210 -4.83 -23.81 -30.32
CA LYS C 210 -3.53 -24.50 -30.31
C LYS C 210 -3.42 -25.39 -29.06
N GLU C 211 -3.66 -24.81 -27.88
CA GLU C 211 -3.60 -25.49 -26.58
C GLU C 211 -4.95 -25.31 -25.85
N PRO C 212 -5.87 -26.31 -25.95
CA PRO C 212 -7.20 -26.15 -25.34
C PRO C 212 -7.27 -26.03 -23.82
N SER C 213 -8.40 -25.43 -23.36
CA SER C 213 -8.80 -25.21 -21.97
C SER C 213 -10.28 -24.80 -22.04
N ALA C 214 -11.17 -25.75 -21.70
CA ALA C 214 -12.62 -25.54 -21.75
C ALA C 214 -13.08 -24.50 -20.74
N ARG C 215 -12.43 -24.49 -19.57
CA ARG C 215 -12.68 -23.56 -18.47
C ARG C 215 -12.43 -22.11 -18.89
N LEU C 216 -11.26 -21.81 -19.53
CA LEU C 216 -10.90 -20.47 -20.01
C LEU C 216 -11.77 -20.08 -21.23
N LEU C 217 -12.11 -21.03 -22.11
CA LEU C 217 -12.97 -20.78 -23.27
C LEU C 217 -14.38 -20.35 -22.84
N LYS C 218 -14.93 -20.94 -21.74
CA LYS C 218 -16.25 -20.62 -21.17
C LYS C 218 -16.38 -19.13 -20.86
N HIS C 219 -15.39 -18.58 -20.13
CA HIS C 219 -15.36 -17.19 -19.72
C HIS C 219 -15.04 -16.24 -20.87
N VAL C 220 -14.21 -16.68 -21.85
CA VAL C 220 -13.87 -15.89 -23.04
C VAL C 220 -15.16 -15.70 -23.90
N VAL C 221 -15.95 -16.78 -24.12
CA VAL C 221 -17.23 -16.75 -24.86
C VAL C 221 -18.26 -15.87 -24.15
N ARG C 222 -18.39 -15.99 -22.79
CA ARG C 222 -19.34 -15.19 -21.99
C ARG C 222 -19.07 -13.70 -22.12
N CYS C 223 -17.78 -13.30 -22.18
CA CYS C 223 -17.36 -11.92 -22.37
C CYS C 223 -17.85 -11.42 -23.73
N TYR C 224 -17.61 -12.21 -24.80
CA TYR C 224 -18.03 -11.88 -26.17
C TYR C 224 -19.54 -11.77 -26.25
N LEU C 225 -20.27 -12.71 -25.63
CA LEU C 225 -21.73 -12.71 -25.58
C LEU C 225 -22.25 -11.44 -24.90
N ARG C 226 -21.65 -11.03 -23.77
CA ARG C 226 -22.08 -9.81 -23.08
C ARG C 226 -21.81 -8.56 -23.93
N LEU C 227 -20.64 -8.53 -24.64
CA LEU C 227 -20.31 -7.42 -25.55
C LEU C 227 -21.38 -7.25 -26.63
N SER C 228 -21.97 -8.38 -27.14
CA SER C 228 -23.04 -8.40 -28.16
C SER C 228 -24.30 -7.64 -27.75
N ASP C 229 -24.53 -7.44 -26.42
CA ASP C 229 -25.68 -6.70 -25.90
C ASP C 229 -25.60 -5.20 -26.20
N ASN C 230 -24.39 -4.68 -26.45
CA ASN C 230 -24.16 -3.28 -26.83
C ASN C 230 -24.25 -3.22 -28.36
N PRO C 231 -25.04 -2.27 -28.95
CA PRO C 231 -25.18 -2.25 -30.42
C PRO C 231 -23.89 -1.90 -31.20
N ARG C 232 -23.06 -0.98 -30.69
CA ARG C 232 -21.80 -0.58 -31.33
C ARG C 232 -20.76 -1.71 -31.29
N ALA C 233 -20.70 -2.44 -30.16
CA ALA C 233 -19.79 -3.57 -29.99
C ALA C 233 -20.21 -4.73 -30.90
N ARG C 234 -21.52 -4.96 -31.02
CA ARG C 234 -22.11 -6.00 -31.87
C ARG C 234 -21.71 -5.72 -33.34
N GLU C 235 -21.70 -4.44 -33.75
CA GLU C 235 -21.28 -4.08 -35.11
C GLU C 235 -19.79 -4.36 -35.34
N ALA C 236 -18.93 -4.02 -34.37
CA ALA C 236 -17.49 -4.26 -34.50
C ALA C 236 -17.15 -5.76 -34.46
N LEU C 237 -17.94 -6.55 -33.69
CA LEU C 237 -17.75 -8.00 -33.60
C LEU C 237 -18.13 -8.72 -34.87
N ARG C 238 -19.08 -8.16 -35.68
CA ARG C 238 -19.46 -8.71 -36.99
C ARG C 238 -18.25 -8.76 -37.93
N GLN C 239 -17.27 -7.90 -37.66
CA GLN C 239 -16.03 -7.73 -38.42
C GLN C 239 -14.83 -8.42 -37.81
N CYS C 240 -14.65 -8.33 -36.48
CA CYS C 240 -13.46 -8.84 -35.83
C CYS C 240 -13.62 -10.19 -35.12
N LEU C 241 -14.83 -10.76 -34.98
CA LEU C 241 -14.99 -12.05 -34.28
C LEU C 241 -14.11 -13.15 -34.92
N PRO C 242 -13.22 -13.81 -34.12
CA PRO C 242 -12.32 -14.82 -34.71
C PRO C 242 -13.03 -15.94 -35.47
N ASP C 243 -12.44 -16.34 -36.62
CA ASP C 243 -12.96 -17.40 -37.50
C ASP C 243 -13.20 -18.70 -36.73
N GLN C 244 -12.34 -19.00 -35.72
CA GLN C 244 -12.38 -20.19 -34.86
C GLN C 244 -13.68 -20.32 -34.06
N LEU C 245 -14.40 -19.20 -33.83
CA LEU C 245 -15.67 -19.18 -33.11
C LEU C 245 -16.87 -19.44 -34.02
N LYS C 246 -16.68 -19.26 -35.34
CA LYS C 246 -17.71 -19.48 -36.37
C LYS C 246 -17.52 -20.85 -37.07
N ASP C 247 -16.32 -21.45 -36.89
CA ASP C 247 -15.87 -22.73 -37.44
C ASP C 247 -16.38 -23.91 -36.58
N THR C 248 -15.79 -25.09 -36.82
CA THR C 248 -16.01 -26.35 -36.11
C THR C 248 -14.79 -26.61 -35.20
N THR C 249 -13.94 -25.56 -35.02
CA THR C 249 -12.68 -25.56 -34.25
C THR C 249 -12.87 -26.11 -32.82
N PHE C 250 -13.83 -25.54 -32.07
CA PHE C 250 -14.09 -25.96 -30.68
C PHE C 250 -15.31 -26.88 -30.55
N ALA C 251 -15.97 -27.25 -31.68
CA ALA C 251 -17.15 -28.12 -31.75
C ALA C 251 -16.99 -29.45 -31.00
N GLN C 252 -15.78 -30.04 -31.08
CA GLN C 252 -15.40 -31.30 -30.42
C GLN C 252 -15.41 -31.19 -28.88
N VAL C 253 -14.79 -30.12 -28.36
CA VAL C 253 -14.67 -29.83 -26.94
C VAL C 253 -16.01 -29.36 -26.36
N LEU C 254 -16.74 -28.50 -27.11
CA LEU C 254 -18.03 -27.92 -26.70
C LEU C 254 -19.19 -28.92 -26.74
N LYS C 255 -18.94 -30.16 -27.23
CA LYS C 255 -19.94 -31.24 -27.25
C LYS C 255 -20.20 -31.78 -25.82
N ASP C 256 -19.26 -31.49 -24.89
CA ASP C 256 -19.32 -31.89 -23.48
C ASP C 256 -19.59 -30.70 -22.52
N ASP C 257 -19.54 -29.46 -23.04
CA ASP C 257 -19.79 -28.23 -22.28
C ASP C 257 -20.98 -27.48 -22.91
N THR C 258 -22.20 -27.94 -22.57
CA THR C 258 -23.50 -27.47 -23.06
C THR C 258 -23.76 -25.97 -22.84
N THR C 259 -23.44 -25.45 -21.64
CA THR C 259 -23.62 -24.03 -21.26
C THR C 259 -22.86 -23.09 -22.20
N THR C 260 -21.58 -23.40 -22.49
CA THR C 260 -20.70 -22.62 -23.37
C THR C 260 -21.16 -22.71 -24.83
N LYS C 261 -21.57 -23.92 -25.28
CA LYS C 261 -22.06 -24.19 -26.63
C LYS C 261 -23.36 -23.39 -26.91
N ARG C 262 -24.20 -23.19 -25.87
CA ARG C 262 -25.44 -22.43 -25.93
C ARG C 262 -25.13 -20.93 -26.00
N TRP C 263 -24.09 -20.47 -25.24
CA TRP C 263 -23.64 -19.08 -25.23
C TRP C 263 -23.03 -18.69 -26.58
N LEU C 264 -22.26 -19.62 -27.20
CA LEU C 264 -21.66 -19.38 -28.51
C LEU C 264 -22.74 -19.28 -29.57
N ALA C 265 -23.80 -20.13 -29.45
CA ALA C 265 -24.95 -20.13 -30.36
C ALA C 265 -25.71 -18.81 -30.28
N GLN C 266 -25.92 -18.28 -29.05
CA GLN C 266 -26.60 -17.00 -28.80
C GLN C 266 -25.75 -15.81 -29.32
N LEU C 267 -24.42 -15.91 -29.22
CA LEU C 267 -23.49 -14.90 -29.71
C LEU C 267 -23.56 -14.80 -31.26
N VAL C 268 -23.56 -15.97 -31.93
CA VAL C 268 -23.66 -16.08 -33.39
C VAL C 268 -25.02 -15.52 -33.88
N LYS C 269 -26.11 -15.81 -33.13
CA LYS C 269 -27.47 -15.33 -33.45
C LYS C 269 -27.56 -13.80 -33.34
N ASN C 270 -26.96 -13.24 -32.27
CA ASN C 270 -26.93 -11.80 -31.99
C ASN C 270 -26.18 -11.05 -33.09
N LEU C 271 -25.12 -11.65 -33.64
CA LEU C 271 -24.27 -11.05 -34.67
C LEU C 271 -24.84 -11.12 -36.08
N GLN C 272 -25.58 -12.20 -36.42
CA GLN C 272 -26.19 -12.32 -37.75
C GLN C 272 -27.39 -11.36 -37.92
N GLU C 273 -28.11 -11.09 -36.80
CA GLU C 273 -29.25 -10.16 -36.79
C GLU C 273 -28.75 -8.70 -36.85
N ASP D 2 -20.64 -16.57 -13.08
CA ASP D 2 -21.08 -16.95 -11.74
C ASP D 2 -20.05 -17.88 -11.08
N ASP D 3 -19.82 -19.07 -11.69
CA ASP D 3 -18.90 -20.10 -11.18
C ASP D 3 -17.57 -20.08 -11.93
N LEU D 4 -16.46 -20.14 -11.17
CA LEU D 4 -15.09 -20.15 -11.69
C LEU D 4 -14.67 -21.58 -12.14
N GLY D 5 -14.90 -22.58 -11.29
CA GLY D 5 -14.57 -23.97 -11.58
C GLY D 5 -13.48 -24.55 -10.71
N PHE D 6 -12.79 -23.67 -9.94
CA PHE D 6 -11.71 -23.99 -9.01
C PHE D 6 -11.61 -22.90 -7.94
N ASP D 7 -10.88 -23.19 -6.85
CA ASP D 7 -10.65 -22.25 -5.75
C ASP D 7 -9.21 -21.69 -5.91
N PRO D 8 -9.04 -20.38 -6.24
CA PRO D 8 -7.67 -19.83 -6.42
C PRO D 8 -6.71 -20.03 -5.26
N PHE D 9 -7.22 -19.94 -4.02
CA PHE D 9 -6.42 -20.11 -2.80
C PHE D 9 -6.02 -21.57 -2.57
N VAL D 10 -6.94 -22.51 -2.82
CA VAL D 10 -6.68 -23.94 -2.66
C VAL D 10 -5.58 -24.37 -3.65
N GLU D 11 -5.69 -23.91 -4.90
CA GLU D 11 -4.74 -24.18 -5.98
C GLU D 11 -3.34 -23.62 -5.68
N THR D 12 -3.28 -22.44 -5.00
CA THR D 12 -2.06 -21.80 -4.55
C THR D 12 -1.35 -22.68 -3.50
N GLN D 13 -2.11 -23.16 -2.48
CA GLN D 13 -1.59 -24.02 -1.41
C GLN D 13 -1.01 -25.31 -1.98
N LYS D 14 -1.72 -25.93 -2.96
CA LYS D 14 -1.27 -27.15 -3.65
C LYS D 14 0.04 -26.87 -4.40
N GLY D 15 0.03 -25.84 -5.26
CA GLY D 15 1.15 -25.44 -6.10
C GLY D 15 2.43 -25.07 -5.38
N LEU D 16 2.30 -24.46 -4.17
CA LEU D 16 3.43 -24.02 -3.34
C LEU D 16 3.93 -25.08 -2.36
N ALA D 17 3.10 -26.10 -2.01
CA ALA D 17 3.42 -27.20 -1.09
C ALA D 17 4.69 -27.95 -1.51
N GLU D 18 4.79 -28.25 -2.83
CA GLU D 18 5.92 -28.94 -3.46
C GLU D 18 7.18 -28.09 -3.33
N LEU D 19 7.08 -26.80 -3.64
CA LEU D 19 8.21 -25.88 -3.57
C LEU D 19 8.68 -25.64 -2.14
N MET D 20 7.75 -25.53 -1.18
CA MET D 20 8.08 -25.32 0.23
C MET D 20 8.87 -26.49 0.84
N GLU D 21 8.53 -27.71 0.41
CA GLU D 21 9.20 -28.94 0.87
C GLU D 21 10.62 -29.11 0.33
N ASN D 22 10.96 -28.47 -0.82
CA ASN D 22 12.26 -28.66 -1.46
C ASN D 22 13.14 -27.42 -1.60
N GLU D 23 12.54 -26.23 -1.46
CA GLU D 23 13.20 -24.92 -1.53
C GLU D 23 14.35 -24.85 -0.52
N VAL D 24 15.55 -24.41 -0.95
CA VAL D 24 16.71 -24.30 -0.07
C VAL D 24 16.63 -23.02 0.77
N VAL D 25 16.56 -21.85 0.11
CA VAL D 25 16.43 -20.55 0.76
C VAL D 25 14.92 -20.32 1.01
N GLN D 26 14.52 -20.24 2.30
CA GLN D 26 13.13 -20.07 2.75
C GLN D 26 12.82 -18.64 3.25
NA NA E . 1.07 0.45 27.57
CL CL F . 20.85 17.35 6.18
CL CL G . 8.05 24.13 11.34
#